data_8YIK
#
_entry.id   8YIK
#
_cell.length_a   85.753
_cell.length_b   85.753
_cell.length_c   211.483
_cell.angle_alpha   90.00
_cell.angle_beta   90.00
_cell.angle_gamma   120.00
#
_symmetry.space_group_name_H-M   'P 61 2 2'
#
loop_
_entity.id
_entity.type
_entity.pdbx_description
1 polymer 'DNA topoisomerase 2'
2 non-polymer "ADENOSINE-5'-TRIPHOSPHATE"
3 water water
#
_entity_poly.entity_id   1
_entity_poly.type   'polypeptide(L)'
_entity_poly.pdbx_seq_one_letter_code
;METFEISDFKEHAKKKSMWAGALNKVTISGLMGVFTEDEDLMALPIHRDHCPALLKIFDELIVNATDHERACHNKTKKVT
YIKISFDKGVFSCENDGPGIPIVKHEQASLIAKRDVYVPEVASCYFLAGTNINKAKDCIKGGTNGVGLKLAMVHSQWAIL
TTADGSQKYVQHINQRLDNIEPPTITPSREMFTRIELMPVYQELGYAQPLSETEQADLSAWIYLRACQCAAYVGKGTTIY
YNDKPCSTSSVMALAKMYTLVTAPNSTIYTATIKADAKPYSLHPLQVAAVVSPKFKKFEHVSIINGVNCVKGEHVTFLKK
AINEMVVKKFQQTIKDKNRKTTLRDSCSNIFVVIVGSIPGIEWTGQRKDELSIAENVFKTHYSIPSSFLTSMTRSIVDIL
LQS
;
_entity_poly.pdbx_strand_id   A
#
# COMPACT_ATOMS: atom_id res chain seq x y z
N GLU A 5 -14.54 31.52 -6.31
CA GLU A 5 -13.22 31.29 -6.89
C GLU A 5 -13.17 30.04 -7.77
N ILE A 6 -12.29 30.08 -8.76
CA ILE A 6 -11.94 28.91 -9.57
C ILE A 6 -10.50 28.54 -9.24
N SER A 7 -10.28 27.35 -8.73
CA SER A 7 -8.97 26.91 -8.29
C SER A 7 -8.30 26.07 -9.39
N ASP A 8 -6.98 25.97 -9.30
CA ASP A 8 -6.24 25.00 -10.10
C ASP A 8 -5.91 23.79 -9.23
N PHE A 9 -5.46 22.71 -9.89
CA PHE A 9 -5.14 21.47 -9.19
C PHE A 9 -4.15 21.70 -8.06
N LYS A 10 -3.06 22.41 -8.36
CA LYS A 10 -1.96 22.53 -7.41
C LYS A 10 -2.41 23.21 -6.12
N GLU A 11 -3.07 24.35 -6.25
CA GLU A 11 -3.55 25.06 -5.06
C GLU A 11 -4.62 24.26 -4.32
N HIS A 12 -5.49 23.59 -5.07
CA HIS A 12 -6.55 22.79 -4.47
C HIS A 12 -5.97 21.65 -3.64
N ALA A 13 -4.96 20.96 -4.17
CA ALA A 13 -4.37 19.82 -3.45
C ALA A 13 -3.64 20.26 -2.18
N LYS A 14 -3.18 21.52 -2.12
CA LYS A 14 -2.52 21.99 -0.91
C LYS A 14 -3.50 22.37 0.19
N LYS A 15 -4.77 22.53 -0.15
CA LYS A 15 -5.75 23.04 0.83
C LYS A 15 -6.86 22.05 1.15
N LYS A 16 -7.04 20.99 0.33
CA LYS A 16 -8.23 20.17 0.42
C LYS A 16 -7.86 18.74 0.80
N SER A 17 -8.54 18.24 1.83
CA SER A 17 -8.32 16.90 2.34
C SER A 17 -8.84 15.80 1.42
N MET A 18 -9.61 16.13 0.37
CA MET A 18 -10.22 15.06 -0.41
C MET A 18 -9.19 14.24 -1.18
N TRP A 19 -8.00 14.79 -1.44
CA TRP A 19 -7.04 14.12 -2.32
C TRP A 19 -6.26 13.02 -1.61
N ALA A 20 -5.75 13.33 -0.41
CA ALA A 20 -4.89 12.42 0.32
C ALA A 20 -5.29 12.28 1.78
N GLY A 21 -6.38 12.88 2.19
CA GLY A 21 -6.75 12.92 3.59
C GLY A 21 -6.33 14.22 4.23
N ALA A 22 -6.55 14.26 5.55
CA ALA A 22 -6.30 15.48 6.31
C ALA A 22 -4.87 15.97 6.17
N LEU A 23 -4.72 17.29 6.12
CA LEU A 23 -3.46 17.97 5.89
C LEU A 23 -2.79 18.46 7.18
N ASN A 24 -3.21 17.91 8.30
CA ASN A 24 -2.57 18.10 9.60
C ASN A 24 -2.74 16.83 10.40
N LYS A 25 -2.21 16.85 11.62
CA LYS A 25 -2.26 15.65 12.45
C LYS A 25 -3.67 15.44 12.99
N VAL A 26 -4.18 14.21 12.84
CA VAL A 26 -5.47 13.79 13.36
C VAL A 26 -5.28 12.39 13.96
N THR A 27 -6.33 11.89 14.61
CA THR A 27 -6.28 10.54 15.15
C THR A 27 -6.61 9.55 14.04
N ILE A 28 -5.68 8.62 13.78
CA ILE A 28 -5.83 7.62 12.74
C ILE A 28 -6.08 6.30 13.46
N SER A 29 -7.34 5.87 13.51
CA SER A 29 -7.68 4.62 14.19
C SER A 29 -6.98 3.45 13.50
N GLY A 30 -6.39 2.57 14.31
CA GLY A 30 -5.68 1.42 13.79
C GLY A 30 -4.30 1.69 13.24
N LEU A 31 -3.74 2.89 13.45
CA LEU A 31 -2.40 3.19 12.96
C LEU A 31 -1.39 2.26 13.62
N MET A 32 -0.54 1.63 12.80
CA MET A 32 0.43 0.63 13.24
CA MET A 32 0.44 0.68 13.29
C MET A 32 1.78 0.92 12.62
N GLY A 33 2.83 0.46 13.30
CA GLY A 33 4.17 0.43 12.74
C GLY A 33 4.84 -0.86 13.15
N VAL A 34 5.99 -1.15 12.54
CA VAL A 34 6.79 -2.30 12.93
C VAL A 34 8.02 -1.85 13.68
N PHE A 35 8.32 -2.58 14.74
CA PHE A 35 9.44 -2.29 15.62
C PHE A 35 10.21 -3.58 15.83
N THR A 36 11.50 -3.44 16.10
CA THR A 36 12.39 -4.59 16.24
C THR A 36 12.82 -4.71 17.69
N GLU A 37 12.72 -5.93 18.22
CA GLU A 37 13.26 -6.28 19.53
C GLU A 37 14.12 -7.52 19.30
N ASP A 38 15.43 -7.40 19.42
CA ASP A 38 16.33 -8.56 19.27
C ASP A 38 15.96 -9.71 18.35
N GLU A 39 16.05 -9.53 17.03
CA GLU A 39 15.75 -10.62 16.04
C GLU A 39 14.25 -10.76 15.61
N ASP A 40 13.44 -10.12 16.42
CA ASP A 40 12.01 -10.12 16.17
C ASP A 40 11.31 -8.89 15.65
N LEU A 41 10.46 -9.08 14.66
CA LEU A 41 9.69 -7.98 14.10
C LEU A 41 8.28 -8.05 14.68
N MET A 42 7.82 -6.96 15.25
CA MET A 42 6.47 -6.91 15.83
C MET A 42 5.76 -5.64 15.38
N ALA A 43 4.54 -5.81 14.88
CA ALA A 43 3.67 -4.67 14.61
C ALA A 43 3.06 -4.21 15.91
N LEU A 44 3.14 -2.91 16.17
CA LEU A 44 2.61 -2.31 17.39
C LEU A 44 1.79 -1.09 17.04
N PRO A 45 0.76 -0.79 17.82
CA PRO A 45 -0.03 0.44 17.57
C PRO A 45 0.81 1.68 17.81
N ILE A 46 0.49 2.72 17.05
CA ILE A 46 1.06 4.05 17.24
C ILE A 46 -0.09 4.94 17.73
N HIS A 47 -0.11 5.19 19.04
CA HIS A 47 -1.19 5.95 19.69
C HIS A 47 -0.86 7.43 19.77
N ARG A 48 -0.48 8.01 18.64
CA ARG A 48 -0.21 9.43 18.51
C ARG A 48 -0.80 9.91 17.20
N ASP A 49 -1.29 11.13 17.20
CA ASP A 49 -1.89 11.70 15.99
C ASP A 49 -0.81 11.90 14.93
N HIS A 50 -1.20 11.68 13.67
CA HIS A 50 -0.31 11.80 12.53
C HIS A 50 -1.09 12.39 11.36
N CYS A 51 -0.36 12.87 10.35
CA CYS A 51 -0.99 13.50 9.20
C CYS A 51 -1.28 12.46 8.12
N PRO A 52 -2.55 12.17 7.81
CA PRO A 52 -2.83 11.18 6.77
C PRO A 52 -2.22 11.51 5.42
N ALA A 53 -2.21 12.78 5.02
CA ALA A 53 -1.67 13.13 3.71
C ALA A 53 -0.17 12.84 3.62
N LEU A 54 0.56 13.03 4.72
CA LEU A 54 1.98 12.71 4.73
C LEU A 54 2.20 11.22 4.48
N LEU A 55 1.46 10.37 5.19
CA LEU A 55 1.61 8.94 4.98
C LEU A 55 1.23 8.56 3.55
N LYS A 56 0.31 9.31 2.94
CA LYS A 56 -0.09 9.04 1.57
C LYS A 56 1.01 9.40 0.56
N ILE A 57 1.83 10.41 0.83
CA ILE A 57 3.01 10.66 -0.02
C ILE A 57 3.78 9.37 -0.20
N PHE A 58 4.09 8.72 0.92
CA PHE A 58 4.87 7.50 0.89
C PHE A 58 4.11 6.39 0.19
N ASP A 59 2.83 6.24 0.51
CA ASP A 59 2.03 5.16 -0.05
C ASP A 59 1.89 5.29 -1.57
N GLU A 60 1.69 6.52 -2.07
CA GLU A 60 1.53 6.68 -3.52
C GLU A 60 2.77 6.21 -4.26
N LEU A 61 3.96 6.53 -3.75
CA LEU A 61 5.22 6.08 -4.40
C LEU A 61 5.34 4.55 -4.29
N ILE A 62 5.04 4.00 -3.13
CA ILE A 62 5.19 2.57 -2.90
C ILE A 62 4.26 1.78 -3.83
N VAL A 63 2.99 2.20 -3.94
CA VAL A 63 2.06 1.50 -4.81
C VAL A 63 2.45 1.66 -6.27
N ASN A 64 3.00 2.81 -6.66
CA ASN A 64 3.51 2.95 -8.02
C ASN A 64 4.59 1.91 -8.32
N ALA A 65 5.45 1.62 -7.33
CA ALA A 65 6.49 0.63 -7.52
C ALA A 65 5.91 -0.78 -7.61
N THR A 66 4.96 -1.12 -6.72
CA THR A 66 4.37 -2.46 -6.81
C THR A 66 3.53 -2.63 -8.06
N ASP A 67 2.92 -1.54 -8.55
CA ASP A 67 2.18 -1.59 -9.81
C ASP A 67 3.09 -1.95 -10.97
N HIS A 68 4.33 -1.46 -10.95
CA HIS A 68 5.24 -1.69 -12.10
C HIS A 68 5.65 -3.15 -12.06
N GLU A 69 5.81 -3.67 -10.84
CA GLU A 69 6.25 -5.08 -10.62
C GLU A 69 5.24 -6.05 -11.24
N LYS A 78 11.46 -7.37 -16.14
CA LYS A 78 10.86 -7.68 -14.84
C LYS A 78 11.44 -6.74 -13.79
N VAL A 79 10.75 -6.66 -12.66
CA VAL A 79 11.18 -5.84 -11.53
C VAL A 79 11.81 -6.78 -10.51
N THR A 80 13.08 -6.56 -10.19
CA THR A 80 13.75 -7.42 -9.22
C THR A 80 13.86 -6.78 -7.85
N TYR A 81 13.71 -5.46 -7.74
CA TYR A 81 13.80 -4.83 -6.43
C TYR A 81 12.90 -3.62 -6.35
N ILE A 82 12.43 -3.35 -5.13
CA ILE A 82 11.88 -2.06 -4.74
C ILE A 82 12.63 -1.64 -3.49
N LYS A 83 13.34 -0.52 -3.56
CA LYS A 83 14.16 -0.02 -2.46
C LYS A 83 13.52 1.25 -1.91
N ILE A 84 13.11 1.19 -0.65
CA ILE A 84 12.48 2.31 0.04
C ILE A 84 13.47 2.82 1.08
N SER A 85 13.64 4.14 1.16
CA SER A 85 14.58 4.75 2.08
CA SER A 85 14.58 4.75 2.09
C SER A 85 13.93 5.91 2.82
N PHE A 86 14.33 6.10 4.07
CA PHE A 86 13.81 7.18 4.91
C PHE A 86 14.89 7.53 5.91
N ASP A 87 15.49 8.71 5.75
CA ASP A 87 16.61 9.13 6.58
C ASP A 87 16.72 10.64 6.51
N LYS A 88 16.90 11.30 7.66
CA LYS A 88 17.04 12.78 7.72
C LYS A 88 15.82 13.46 7.11
N GLY A 89 14.68 12.80 7.21
CA GLY A 89 13.46 13.32 6.63
C GLY A 89 13.29 13.05 5.14
N VAL A 90 14.34 12.59 4.46
CA VAL A 90 14.28 12.36 3.02
C VAL A 90 13.71 10.97 2.77
N PHE A 91 12.71 10.90 1.89
CA PHE A 91 12.09 9.64 1.50
C PHE A 91 12.44 9.35 0.06
N SER A 92 12.77 8.09 -0.23
CA SER A 92 12.96 7.70 -1.62
C SER A 92 12.39 6.31 -1.88
N CYS A 93 12.00 6.09 -3.13
CA CYS A 93 11.54 4.80 -3.59
C CYS A 93 12.11 4.59 -4.98
N GLU A 94 12.77 3.45 -5.18
CA GLU A 94 13.38 3.12 -6.46
C GLU A 94 13.03 1.69 -6.84
N ASN A 95 12.72 1.48 -8.11
CA ASN A 95 12.50 0.14 -8.64
C ASN A 95 13.21 0.01 -9.98
N ASP A 96 13.59 -1.21 -10.32
CA ASP A 96 14.12 -1.49 -11.64
C ASP A 96 12.98 -1.89 -12.58
N GLY A 97 13.29 -2.53 -13.69
CA GLY A 97 12.33 -2.72 -14.74
C GLY A 97 12.39 -1.52 -15.66
N PRO A 98 11.63 -1.54 -16.75
CA PRO A 98 11.71 -0.45 -17.73
C PRO A 98 11.43 0.90 -17.07
N GLY A 99 12.23 1.90 -17.42
CA GLY A 99 12.00 3.23 -16.91
C GLY A 99 10.83 3.90 -17.58
N ILE A 100 10.47 5.05 -17.03
CA ILE A 100 9.47 5.89 -17.70
C ILE A 100 10.05 6.37 -19.02
N PRO A 101 9.34 6.22 -20.15
CA PRO A 101 9.96 6.52 -21.45
C PRO A 101 10.49 7.94 -21.52
N ILE A 102 11.74 8.05 -21.95
CA ILE A 102 12.39 9.37 -22.11
C ILE A 102 12.12 9.80 -23.54
N VAL A 103 10.91 10.32 -23.76
CA VAL A 103 10.47 10.79 -25.06
C VAL A 103 9.62 12.03 -24.87
N LYS A 104 9.63 12.90 -25.87
CA LYS A 104 8.84 14.11 -25.83
C LYS A 104 7.36 13.75 -25.92
N HIS A 105 6.55 14.40 -25.08
CA HIS A 105 5.10 14.24 -25.13
C HIS A 105 4.55 15.35 -26.01
N GLU A 106 3.97 14.96 -27.15
CA GLU A 106 3.64 15.95 -28.18
C GLU A 106 2.47 16.85 -27.76
N GLN A 107 1.45 16.28 -27.12
CA GLN A 107 0.34 17.09 -26.63
C GLN A 107 0.84 18.18 -25.67
N ALA A 108 1.50 17.75 -24.59
CA ALA A 108 1.92 18.69 -23.56
C ALA A 108 2.89 19.73 -24.11
N SER A 109 3.75 19.30 -25.02
CA SER A 109 4.71 20.24 -25.58
C SER A 109 4.04 21.26 -26.49
N LEU A 110 3.06 20.83 -27.27
CA LEU A 110 2.33 21.76 -28.13
C LEU A 110 1.56 22.79 -27.36
N ILE A 111 0.87 22.37 -26.30
CA ILE A 111 0.13 23.31 -25.47
C ILE A 111 1.07 24.24 -24.75
N ALA A 112 2.17 23.70 -24.22
CA ALA A 112 3.14 24.54 -23.56
C ALA A 112 4.00 25.18 -24.64
N LYS A 113 4.96 25.99 -24.26
CA LYS A 113 5.73 26.67 -25.28
C LYS A 113 7.11 26.05 -25.37
N ARG A 114 7.27 24.87 -24.81
CA ARG A 114 8.57 24.26 -24.72
C ARG A 114 8.50 22.75 -24.74
N ASP A 115 9.65 22.11 -24.80
CA ASP A 115 9.68 20.66 -24.78
C ASP A 115 9.24 20.10 -23.43
N VAL A 116 8.29 19.18 -23.45
CA VAL A 116 7.84 18.50 -22.25
C VAL A 116 7.96 17.00 -22.49
N TYR A 117 8.74 16.33 -21.65
CA TYR A 117 8.95 14.89 -21.79
C TYR A 117 7.96 14.11 -20.93
N VAL A 118 7.79 12.83 -21.28
CA VAL A 118 6.85 11.97 -20.58
C VAL A 118 7.06 11.92 -19.07
N PRO A 119 8.28 11.79 -18.53
CA PRO A 119 8.43 11.79 -17.07
C PRO A 119 7.92 13.06 -16.40
N GLU A 120 8.03 14.22 -17.06
CA GLU A 120 7.45 15.44 -16.50
C GLU A 120 5.92 15.37 -16.49
N VAL A 121 5.31 14.84 -17.56
CA VAL A 121 3.86 14.68 -17.55
C VAL A 121 3.43 13.73 -16.44
N ALA A 122 4.17 12.61 -16.27
CA ALA A 122 3.81 11.62 -15.27
C ALA A 122 3.87 12.18 -13.85
N SER A 123 4.78 13.11 -13.59
CA SER A 123 5.02 13.62 -12.24
C SER A 123 4.38 14.97 -11.96
N CYS A 124 4.03 15.74 -12.99
CA CYS A 124 3.60 17.12 -12.81
C CYS A 124 2.23 17.44 -13.39
N TYR A 125 1.62 16.55 -14.16
CA TYR A 125 0.31 16.81 -14.77
C TYR A 125 -0.73 15.98 -14.04
N PHE A 126 -1.70 16.64 -13.41
CA PHE A 126 -2.80 15.94 -12.77
C PHE A 126 -3.68 15.27 -13.82
N LEU A 127 -4.25 14.12 -13.43
CA LEU A 127 -5.11 13.32 -14.29
C LEU A 127 -4.36 12.77 -15.50
N ALA A 128 -3.11 12.35 -15.28
CA ALA A 128 -2.24 11.88 -16.37
C ALA A 128 -1.50 10.64 -15.94
N GLY A 129 -1.46 9.64 -16.82
CA GLY A 129 -0.78 8.40 -16.53
C GLY A 129 -1.16 7.34 -17.56
N THR A 130 -0.73 6.12 -17.30
CA THR A 130 -0.97 5.01 -18.20
C THR A 130 -2.20 4.19 -17.84
N ASN A 131 -2.96 4.61 -16.82
CA ASN A 131 -4.12 3.86 -16.36
C ASN A 131 -5.43 4.63 -16.53
N ILE A 132 -5.43 5.74 -17.27
CA ILE A 132 -6.65 6.50 -17.48
C ILE A 132 -7.72 5.65 -18.14
N ASN A 133 -7.33 4.82 -19.11
CA ASN A 133 -8.26 3.92 -19.80
C ASN A 133 -8.05 2.48 -19.38
N LYS A 134 -7.86 2.28 -18.08
CA LYS A 134 -7.57 0.98 -17.50
C LYS A 134 -8.66 -0.04 -17.81
N ALA A 135 -8.24 -1.25 -18.15
CA ALA A 135 -9.18 -2.35 -18.33
C ALA A 135 -9.74 -2.79 -16.98
N LYS A 136 -10.95 -3.36 -17.02
CA LYS A 136 -11.59 -3.79 -15.78
C LYS A 136 -10.87 -4.96 -15.11
N ASP A 137 -10.08 -5.72 -15.86
CA ASP A 137 -9.33 -6.84 -15.28
C ASP A 137 -7.90 -6.46 -14.88
N CYS A 138 -7.50 -5.21 -15.07
CA CYS A 138 -6.17 -4.77 -14.62
C CYS A 138 -6.14 -4.71 -13.10
N ILE A 139 -5.11 -5.30 -12.51
CA ILE A 139 -5.01 -5.39 -11.06
C ILE A 139 -3.98 -4.43 -10.47
N LYS A 140 -3.49 -3.47 -11.26
CA LYS A 140 -2.72 -2.38 -10.69
C LYS A 140 -3.59 -1.61 -9.70
N GLY A 141 -2.95 -1.11 -8.64
CA GLY A 141 -3.66 -0.17 -7.76
C GLY A 141 -3.91 1.16 -8.45
N GLY A 142 -2.94 1.63 -9.23
CA GLY A 142 -3.04 2.95 -9.83
C GLY A 142 -4.19 3.03 -10.84
N THR A 143 -4.97 4.09 -10.75
CA THR A 143 -6.03 4.31 -11.72
C THR A 143 -6.24 5.77 -12.15
N ASN A 144 -5.93 6.76 -11.30
CA ASN A 144 -6.41 8.12 -11.53
C ASN A 144 -5.41 9.04 -12.22
N GLY A 145 -4.14 8.70 -12.25
CA GLY A 145 -3.14 9.63 -12.75
C GLY A 145 -2.96 10.83 -11.83
N VAL A 146 -3.04 10.59 -10.52
CA VAL A 146 -3.03 11.64 -9.51
C VAL A 146 -1.90 11.45 -8.50
N GLY A 147 -1.65 10.19 -8.09
CA GLY A 147 -0.87 9.95 -6.88
C GLY A 147 0.52 10.57 -6.87
N LEU A 148 1.26 10.45 -7.99
CA LEU A 148 2.61 10.99 -8.01
C LEU A 148 2.60 12.50 -7.92
N LYS A 149 1.59 13.15 -8.49
CA LYS A 149 1.47 14.60 -8.38
C LYS A 149 1.23 15.02 -6.94
N LEU A 150 0.46 14.23 -6.19
CA LEU A 150 0.26 14.54 -4.78
C LEU A 150 1.57 14.46 -4.01
N ALA A 151 2.41 13.47 -4.32
CA ALA A 151 3.73 13.43 -3.69
C ALA A 151 4.52 14.69 -4.00
N MET A 152 4.51 15.15 -5.25
CA MET A 152 5.25 16.35 -5.61
C MET A 152 4.68 17.60 -4.95
N VAL A 153 3.35 17.70 -4.88
CA VAL A 153 2.74 18.91 -4.35
C VAL A 153 2.98 19.06 -2.86
N HIS A 154 3.33 17.97 -2.18
CA HIS A 154 3.65 18.01 -0.75
C HIS A 154 5.14 17.89 -0.48
N SER A 155 5.98 18.24 -1.44
CA SER A 155 7.43 18.18 -1.31
C SER A 155 8.04 19.57 -1.33
N GLN A 156 8.92 19.84 -0.37
CA GLN A 156 9.76 21.05 -0.46
C GLN A 156 10.69 20.96 -1.66
N TRP A 157 11.27 19.78 -1.87
CA TRP A 157 12.07 19.50 -3.06
C TRP A 157 11.87 18.04 -3.40
N ALA A 158 12.03 17.72 -4.69
CA ALA A 158 11.93 16.34 -5.14
C ALA A 158 12.83 16.17 -6.37
N ILE A 159 13.31 14.94 -6.55
CA ILE A 159 14.13 14.59 -7.70
C ILE A 159 13.55 13.34 -8.33
N LEU A 160 13.15 13.42 -9.59
CA LEU A 160 12.77 12.25 -10.37
C LEU A 160 13.97 11.84 -11.21
N THR A 161 14.37 10.59 -11.11
CA THR A 161 15.42 10.02 -11.94
C THR A 161 14.89 8.76 -12.58
N THR A 162 15.01 8.67 -13.90
CA THR A 162 14.62 7.45 -14.60
C THR A 162 15.60 7.20 -15.74
N ALA A 163 15.82 5.92 -16.04
CA ALA A 163 16.75 5.51 -17.08
C ALA A 163 16.13 4.35 -17.84
N ASP A 164 16.37 4.31 -19.15
CA ASP A 164 15.73 3.34 -20.02
C ASP A 164 16.71 2.38 -20.69
N GLY A 165 17.95 2.33 -20.22
CA GLY A 165 18.98 1.51 -20.84
C GLY A 165 19.75 2.19 -21.93
N SER A 166 19.34 3.38 -22.36
CA SER A 166 20.08 4.13 -23.37
C SER A 166 20.30 5.57 -22.90
N GLN A 167 19.41 6.09 -22.06
CA GLN A 167 19.51 7.44 -21.55
C GLN A 167 19.05 7.48 -20.09
N LYS A 168 19.52 8.49 -19.37
CA LYS A 168 19.08 8.79 -18.01
C LYS A 168 18.51 10.20 -17.97
N TYR A 169 17.41 10.35 -17.24
CA TYR A 169 16.64 11.59 -17.17
C TYR A 169 16.55 11.98 -15.71
N VAL A 170 17.01 13.18 -15.37
CA VAL A 170 16.98 13.70 -14.01
C VAL A 170 16.25 15.03 -14.03
N GLN A 171 15.26 15.17 -13.15
CA GLN A 171 14.49 16.40 -13.09
C GLN A 171 14.20 16.79 -11.66
N HIS A 172 14.49 18.04 -11.32
CA HIS A 172 14.19 18.58 -10.01
C HIS A 172 12.83 19.25 -10.05
N ILE A 173 11.98 18.92 -9.08
CA ILE A 173 10.60 19.39 -9.00
C ILE A 173 10.41 19.93 -7.59
N ASN A 174 10.43 21.25 -7.45
CA ASN A 174 10.59 21.88 -6.15
C ASN A 174 9.42 22.80 -5.79
N GLN A 175 9.34 23.09 -4.50
CA GLN A 175 8.42 24.09 -3.97
C GLN A 175 6.96 23.74 -4.28
N ARG A 176 6.58 22.50 -3.96
CA ARG A 176 5.20 22.06 -4.09
C ARG A 176 4.67 22.25 -5.51
N LEU A 177 5.49 21.83 -6.48
CA LEU A 177 5.19 21.91 -7.91
C LEU A 177 5.28 23.32 -8.49
N ASP A 178 5.72 24.30 -7.70
CA ASP A 178 5.83 25.65 -8.23
C ASP A 178 7.03 25.80 -9.16
N ASN A 179 8.10 25.04 -8.91
CA ASN A 179 9.38 25.24 -9.60
C ASN A 179 9.82 23.92 -10.23
N ILE A 180 9.39 23.70 -11.47
CA ILE A 180 9.77 22.52 -12.23
C ILE A 180 10.99 22.91 -13.06
N GLU A 181 12.13 22.34 -12.73
CA GLU A 181 13.33 22.72 -13.44
C GLU A 181 13.51 21.86 -14.68
N PRO A 182 14.16 22.39 -15.73
CA PRO A 182 14.35 21.61 -16.94
C PRO A 182 15.15 20.37 -16.65
N PRO A 183 14.86 19.27 -17.34
CA PRO A 183 15.56 18.01 -17.07
C PRO A 183 16.96 17.98 -17.66
N THR A 184 17.78 17.10 -17.09
CA THR A 184 19.09 16.78 -17.63
C THR A 184 19.05 15.36 -18.18
N ILE A 185 19.41 15.20 -19.45
CA ILE A 185 19.35 13.91 -20.13
C ILE A 185 20.74 13.55 -20.61
N THR A 186 21.21 12.37 -20.22
CA THR A 186 22.55 11.88 -20.49
C THR A 186 22.47 10.45 -21.00
N PRO A 187 23.47 9.99 -21.74
CA PRO A 187 23.52 8.56 -22.09
C PRO A 187 23.77 7.71 -20.85
N SER A 188 23.15 6.54 -20.82
CA SER A 188 23.28 5.64 -19.67
C SER A 188 22.93 4.23 -20.03
N ARG A 189 23.53 3.27 -19.34
CA ARG A 189 23.15 1.88 -19.55
C ARG A 189 22.25 1.37 -18.42
N GLU A 190 21.92 2.23 -17.48
CA GLU A 190 21.09 1.82 -16.35
C GLU A 190 19.62 1.81 -16.71
N MET A 191 18.79 1.19 -15.88
CA MET A 191 17.35 1.09 -16.15
C MET A 191 16.62 1.00 -14.82
N PHE A 192 15.89 2.06 -14.46
CA PHE A 192 15.22 2.14 -13.17
C PHE A 192 14.38 3.41 -13.13
N THR A 193 13.56 3.53 -12.10
CA THR A 193 12.83 4.75 -11.78
C THR A 193 12.99 5.03 -10.29
N ARG A 194 13.35 6.26 -9.96
CA ARG A 194 13.61 6.67 -8.59
C ARG A 194 12.93 8.00 -8.32
N ILE A 195 12.21 8.08 -7.21
CA ILE A 195 11.66 9.33 -6.70
C ILE A 195 12.28 9.57 -5.33
N GLU A 196 12.87 10.75 -5.14
CA GLU A 196 13.43 11.15 -3.86
C GLU A 196 12.86 12.51 -3.50
N LEU A 197 12.45 12.68 -2.25
CA LEU A 197 11.78 13.94 -1.91
C LEU A 197 11.91 14.23 -0.42
N MET A 198 11.74 15.51 -0.09
CA MET A 198 11.61 15.96 1.30
CA MET A 198 11.60 15.92 1.29
C MET A 198 10.21 16.52 1.47
N PRO A 199 9.34 15.90 2.27
CA PRO A 199 7.99 16.43 2.46
C PRO A 199 8.00 17.79 3.15
N VAL A 200 6.87 18.50 3.02
CA VAL A 200 6.71 19.77 3.73
C VAL A 200 6.23 19.47 5.14
N TYR A 201 7.16 19.00 5.99
CA TYR A 201 6.78 18.49 7.30
C TYR A 201 6.12 19.58 8.14
N GLN A 202 6.70 20.77 8.14
CA GLN A 202 6.18 21.82 9.01
C GLN A 202 4.76 22.20 8.63
N GLU A 203 4.48 22.29 7.33
CA GLU A 203 3.14 22.63 6.87
C GLU A 203 2.12 21.57 7.25
N LEU A 204 2.56 20.33 7.42
CA LEU A 204 1.69 19.21 7.76
C LEU A 204 1.63 18.95 9.26
N GLY A 205 2.24 19.81 10.08
CA GLY A 205 2.10 19.73 11.52
C GLY A 205 3.29 19.16 12.27
N TYR A 206 4.38 18.84 11.58
CA TYR A 206 5.52 18.19 12.20
C TYR A 206 6.61 19.21 12.53
N ALA A 207 7.55 18.78 13.37
CA ALA A 207 8.71 19.60 13.68
C ALA A 207 9.67 19.65 12.49
N GLN A 208 10.50 20.69 12.46
CA GLN A 208 11.45 20.87 11.33
C GLN A 208 12.85 21.10 11.91
N PRO A 209 13.65 20.03 12.17
CA PRO A 209 13.42 18.71 11.59
C PRO A 209 12.51 17.84 12.45
N LEU A 210 12.24 16.60 12.01
CA LEU A 210 11.34 15.72 12.76
C LEU A 210 11.85 15.51 14.17
N SER A 211 10.92 15.47 15.12
CA SER A 211 11.30 15.10 16.48
C SER A 211 11.70 13.63 16.52
N GLU A 212 12.33 13.24 17.64
CA GLU A 212 12.72 11.85 17.80
C GLU A 212 11.53 10.91 17.69
N THR A 213 10.41 11.29 18.31
CA THR A 213 9.22 10.44 18.27
C THR A 213 8.56 10.44 16.90
N GLU A 214 8.49 11.60 16.24
CA GLU A 214 7.94 11.66 14.88
C GLU A 214 8.76 10.79 13.94
N GLN A 215 10.08 10.91 14.02
CA GLN A 215 10.98 10.10 13.18
C GLN A 215 10.77 8.62 13.44
N ALA A 216 10.72 8.22 14.72
CA ALA A 216 10.55 6.81 15.04
C ALA A 216 9.22 6.28 14.54
N ASP A 217 8.14 7.06 14.72
CA ASP A 217 6.82 6.63 14.28
C ASP A 217 6.76 6.49 12.77
N LEU A 218 7.25 7.50 12.04
CA LEU A 218 7.18 7.47 10.59
C LEU A 218 8.03 6.33 10.03
N SER A 219 9.22 6.12 10.60
CA SER A 219 10.06 5.02 10.13
C SER A 219 9.37 3.68 10.36
N ALA A 220 8.75 3.51 11.53
CA ALA A 220 8.05 2.27 11.82
C ALA A 220 6.87 2.06 10.87
N TRP A 221 6.14 3.14 10.55
CA TRP A 221 5.02 3.03 9.62
C TRP A 221 5.49 2.62 8.23
N ILE A 222 6.57 3.25 7.75
CA ILE A 222 7.09 2.92 6.42
C ILE A 222 7.60 1.49 6.39
N TYR A 223 8.32 1.09 7.43
CA TYR A 223 8.86 -0.26 7.47
C TYR A 223 7.73 -1.28 7.40
N LEU A 224 6.63 -1.04 8.12
CA LEU A 224 5.50 -1.96 8.06
C LEU A 224 4.89 -1.99 6.66
N ARG A 225 4.77 -0.83 6.03
CA ARG A 225 4.25 -0.80 4.67
C ARG A 225 5.13 -1.62 3.73
N ALA A 226 6.45 -1.50 3.90
CA ALA A 226 7.39 -2.30 3.11
C ALA A 226 7.22 -3.79 3.36
N CYS A 227 7.02 -4.19 4.63
CA CYS A 227 6.78 -5.59 4.96
C CYS A 227 5.52 -6.12 4.30
N GLN A 228 4.47 -5.29 4.27
CA GLN A 228 3.25 -5.68 3.56
C GLN A 228 3.52 -5.90 2.08
N CYS A 229 4.30 -5.01 1.45
CA CYS A 229 4.66 -5.20 0.05
C CYS A 229 5.37 -6.53 -0.17
N ALA A 230 6.20 -6.93 0.78
CA ALA A 230 7.01 -8.14 0.58
C ALA A 230 6.12 -9.37 0.41
N ALA A 231 4.94 -9.37 1.02
CA ALA A 231 4.02 -10.49 0.87
C ALA A 231 3.18 -10.37 -0.40
N TYR A 232 3.06 -9.17 -0.97
CA TYR A 232 2.22 -8.95 -2.14
C TYR A 232 2.94 -9.18 -3.46
N VAL A 233 4.19 -8.72 -3.57
CA VAL A 233 4.88 -8.72 -4.86
C VAL A 233 5.19 -10.16 -5.30
N GLY A 234 5.51 -10.29 -6.59
CA GLY A 234 5.93 -11.57 -7.11
C GLY A 234 7.24 -12.04 -6.50
N LYS A 235 7.46 -13.35 -6.59
CA LYS A 235 8.59 -13.96 -5.91
C LYS A 235 9.94 -13.59 -6.52
N GLY A 236 9.97 -12.95 -7.67
CA GLY A 236 11.22 -12.45 -8.21
C GLY A 236 11.67 -11.11 -7.67
N THR A 237 10.87 -10.45 -6.82
CA THR A 237 11.14 -9.10 -6.36
C THR A 237 11.50 -9.11 -4.88
N THR A 238 12.57 -8.41 -4.53
CA THR A 238 12.95 -8.21 -3.13
C THR A 238 12.64 -6.77 -2.75
N ILE A 239 12.00 -6.60 -1.60
CA ILE A 239 11.71 -5.29 -1.01
C ILE A 239 12.81 -4.96 -0.01
N TYR A 240 13.33 -3.74 -0.07
CA TYR A 240 14.30 -3.26 0.90
C TYR A 240 13.77 -2.02 1.60
N TYR A 241 14.05 -1.91 2.89
CA TYR A 241 13.82 -0.68 3.64
C TYR A 241 15.15 -0.26 4.25
N ASN A 242 15.60 0.93 3.90
CA ASN A 242 16.92 1.44 4.32
C ASN A 242 18.02 0.41 4.07
N ASP A 243 18.00 -0.17 2.87
CA ASP A 243 19.00 -1.09 2.33
C ASP A 243 18.98 -2.47 2.97
N LYS A 244 18.02 -2.75 3.81
CA LYS A 244 17.94 -4.08 4.38
C LYS A 244 16.70 -4.79 3.85
N PRO A 245 16.81 -6.07 3.50
CA PRO A 245 15.66 -6.75 2.87
C PRO A 245 14.52 -6.93 3.87
N CYS A 246 13.30 -6.82 3.34
CA CYS A 246 12.09 -7.12 4.10
C CYS A 246 11.67 -8.54 3.72
N SER A 247 11.70 -9.45 4.69
CA SER A 247 11.55 -10.87 4.41
C SER A 247 10.22 -11.44 4.89
N THR A 248 9.22 -10.60 5.17
CA THR A 248 7.88 -11.07 5.50
C THR A 248 7.13 -11.37 4.21
N SER A 249 7.59 -12.43 3.54
CA SER A 249 7.20 -12.71 2.16
C SER A 249 5.95 -13.57 2.05
N SER A 250 5.38 -14.00 3.18
CA SER A 250 4.17 -14.82 3.17
C SER A 250 3.13 -14.20 4.08
N VAL A 251 1.87 -14.56 3.85
CA VAL A 251 0.82 -14.14 4.77
C VAL A 251 1.06 -14.70 6.17
N MET A 252 1.69 -15.87 6.28
CA MET A 252 1.99 -16.44 7.59
C MET A 252 2.97 -15.56 8.36
N ALA A 253 4.00 -15.06 7.67
CA ALA A 253 4.95 -14.17 8.31
C ALA A 253 4.27 -12.87 8.76
N LEU A 254 3.36 -12.34 7.93
CA LEU A 254 2.62 -11.14 8.34
C LEU A 254 1.75 -11.42 9.56
N ALA A 255 1.04 -12.54 9.56
CA ALA A 255 0.18 -12.85 10.69
C ALA A 255 0.98 -12.99 11.98
N LYS A 256 2.13 -13.67 11.90
CA LYS A 256 3.02 -13.75 13.05
C LYS A 256 3.43 -12.36 13.54
N MET A 257 3.85 -11.49 12.61
CA MET A 257 4.35 -10.18 12.99
C MET A 257 3.28 -9.35 13.68
N TYR A 258 2.03 -9.49 13.24
CA TYR A 258 0.94 -8.72 13.83
C TYR A 258 0.44 -9.29 15.15
N THR A 259 0.79 -10.53 15.49
CA THR A 259 0.25 -11.16 16.70
C THR A 259 1.33 -11.61 17.67
N LEU A 260 2.60 -11.28 17.40
CA LEU A 260 3.71 -11.80 18.19
C LEU A 260 3.64 -11.36 19.65
N VAL A 261 3.31 -10.09 19.89
CA VAL A 261 3.26 -9.60 21.26
C VAL A 261 2.08 -10.18 22.01
N THR A 262 0.90 -10.14 21.39
CA THR A 262 -0.31 -10.53 22.10
C THR A 262 -0.44 -12.04 22.25
N ALA A 263 -0.14 -12.80 21.19
CA ALA A 263 -0.34 -14.24 21.16
C ALA A 263 0.88 -14.93 20.57
N PRO A 264 2.00 -14.95 21.30
CA PRO A 264 3.18 -15.65 20.80
C PRO A 264 2.91 -17.15 20.67
N ASN A 265 3.65 -17.77 19.77
CA ASN A 265 3.55 -19.22 19.54
C ASN A 265 2.15 -19.61 19.08
N SER A 266 1.57 -18.77 18.22
CA SER A 266 0.20 -18.95 17.77
C SER A 266 0.12 -19.97 16.64
N THR A 267 -0.99 -20.69 16.63
CA THR A 267 -1.35 -21.53 15.50
C THR A 267 -1.84 -20.64 14.37
N ILE A 268 -1.35 -20.87 13.16
CA ILE A 268 -1.68 -20.06 11.99
C ILE A 268 -2.50 -20.90 11.04
N TYR A 269 -3.77 -20.54 10.87
CA TYR A 269 -4.63 -21.19 9.89
C TYR A 269 -4.41 -20.54 8.54
N THR A 270 -4.20 -21.36 7.51
CA THR A 270 -3.84 -20.85 6.19
C THR A 270 -4.78 -21.40 5.13
N ALA A 271 -4.97 -20.60 4.08
CA ALA A 271 -5.77 -21.03 2.96
C ALA A 271 -5.40 -20.21 1.74
N THR A 272 -5.60 -20.81 0.57
CA THR A 272 -5.57 -20.07 -0.69
C THR A 272 -7.00 -20.12 -1.23
N ILE A 273 -7.60 -18.94 -1.40
CA ILE A 273 -8.95 -18.84 -1.91
C ILE A 273 -8.86 -18.67 -3.41
N LYS A 274 -9.45 -19.60 -4.16
CA LYS A 274 -9.30 -19.66 -5.60
C LYS A 274 -10.65 -19.55 -6.29
N ALA A 275 -10.59 -19.05 -7.51
CA ALA A 275 -11.79 -18.87 -8.28
C ALA A 275 -11.78 -19.73 -9.50
N ASP A 276 -12.97 -20.11 -9.91
CA ASP A 276 -13.12 -20.94 -11.09
C ASP A 276 -12.88 -20.37 -12.49
N ALA A 277 -13.33 -19.16 -12.73
CA ALA A 277 -13.28 -18.61 -14.09
C ALA A 277 -12.40 -17.40 -14.21
N LYS A 278 -11.84 -17.18 -15.38
CA LYS A 278 -11.05 -15.95 -15.61
C LYS A 278 -11.97 -14.72 -15.57
N PRO A 279 -11.45 -13.53 -15.15
CA PRO A 279 -10.06 -13.35 -14.77
C PRO A 279 -9.81 -13.71 -13.31
N TYR A 280 -10.87 -14.04 -12.56
CA TYR A 280 -10.67 -14.30 -11.13
C TYR A 280 -9.72 -15.45 -10.88
N SER A 281 -9.73 -16.48 -11.74
CA SER A 281 -8.88 -17.65 -11.58
C SER A 281 -7.41 -17.34 -11.76
N LEU A 282 -7.06 -16.18 -12.31
CA LEU A 282 -5.66 -15.79 -12.43
C LEU A 282 -5.10 -15.25 -11.13
N HIS A 283 -5.93 -15.02 -10.13
CA HIS A 283 -5.56 -14.23 -8.95
C HIS A 283 -6.01 -14.93 -7.67
N PRO A 284 -5.30 -15.97 -7.25
CA PRO A 284 -5.62 -16.58 -5.95
C PRO A 284 -5.34 -15.62 -4.81
N LEU A 285 -6.15 -15.69 -3.78
CA LEU A 285 -5.99 -14.85 -2.59
C LEU A 285 -5.38 -15.69 -1.47
N GLN A 286 -4.31 -15.18 -0.86
CA GLN A 286 -3.64 -15.87 0.24
C GLN A 286 -4.18 -15.36 1.57
N VAL A 287 -4.49 -16.28 2.47
CA VAL A 287 -5.10 -15.97 3.75
C VAL A 287 -4.32 -16.64 4.87
N ALA A 288 -4.08 -15.91 5.96
CA ALA A 288 -3.59 -16.50 7.20
C ALA A 288 -4.37 -15.90 8.35
N ALA A 289 -4.76 -16.74 9.31
CA ALA A 289 -5.56 -16.28 10.43
C ALA A 289 -5.02 -16.83 11.74
N VAL A 290 -5.21 -16.06 12.81
CA VAL A 290 -4.86 -16.44 14.17
C VAL A 290 -6.11 -16.26 15.02
N VAL A 291 -6.36 -17.22 15.92
CA VAL A 291 -7.51 -17.19 16.82
C VAL A 291 -7.01 -17.15 18.24
N SER A 292 -7.46 -16.16 19.02
CA SER A 292 -7.01 -16.04 20.40
C SER A 292 -8.10 -15.41 21.25
N PRO A 293 -8.33 -15.93 22.46
CA PRO A 293 -9.26 -15.25 23.38
C PRO A 293 -8.79 -13.87 23.79
N LYS A 294 -7.49 -13.58 23.66
CA LYS A 294 -6.97 -12.26 24.02
C LYS A 294 -7.35 -11.18 23.01
N PHE A 295 -7.81 -11.55 21.82
CA PHE A 295 -8.22 -10.58 20.83
C PHE A 295 -9.58 -9.99 21.22
N LYS A 296 -9.68 -8.66 21.21
CA LYS A 296 -10.86 -7.97 21.70
C LYS A 296 -11.94 -7.80 20.66
N LYS A 297 -11.58 -7.79 19.38
CA LYS A 297 -12.53 -7.61 18.29
C LYS A 297 -11.88 -8.12 17.01
N PHE A 298 -12.71 -8.35 16.01
CA PHE A 298 -12.22 -8.82 14.72
C PHE A 298 -11.30 -7.76 14.10
N GLU A 299 -10.16 -8.21 13.57
CA GLU A 299 -9.26 -7.35 12.85
C GLU A 299 -8.79 -8.06 11.59
N HIS A 300 -8.60 -7.29 10.52
CA HIS A 300 -8.01 -7.81 9.30
C HIS A 300 -6.93 -6.85 8.81
N VAL A 301 -5.96 -7.40 8.10
CA VAL A 301 -5.03 -6.63 7.29
C VAL A 301 -5.19 -7.14 5.87
N SER A 302 -5.59 -6.26 4.97
CA SER A 302 -5.84 -6.62 3.58
C SER A 302 -4.89 -5.84 2.68
N ILE A 303 -4.12 -6.55 1.87
CA ILE A 303 -3.31 -5.94 0.83
C ILE A 303 -3.92 -6.42 -0.48
N ILE A 304 -4.67 -5.54 -1.14
CA ILE A 304 -5.41 -5.87 -2.35
C ILE A 304 -4.89 -4.98 -3.46
N ASN A 305 -4.40 -5.59 -4.53
CA ASN A 305 -3.82 -4.84 -5.65
C ASN A 305 -2.69 -3.92 -5.18
N GLY A 306 -1.97 -4.35 -4.14
CA GLY A 306 -0.86 -3.60 -3.58
C GLY A 306 -1.27 -2.54 -2.58
N VAL A 307 -2.55 -2.31 -2.39
CA VAL A 307 -3.08 -1.24 -1.55
C VAL A 307 -3.47 -1.81 -0.21
N ASN A 308 -3.12 -1.12 0.87
CA ASN A 308 -3.61 -1.51 2.19
C ASN A 308 -5.05 -1.03 2.32
N CYS A 309 -6.00 -1.94 2.11
CA CYS A 309 -7.43 -1.65 2.03
C CYS A 309 -8.05 -1.93 3.38
N VAL A 310 -8.72 -0.93 3.98
CA VAL A 310 -9.28 -1.15 5.31
C VAL A 310 -10.73 -1.65 5.31
N LYS A 311 -11.42 -1.60 4.16
CA LYS A 311 -12.82 -1.97 4.12
C LYS A 311 -13.14 -2.56 2.75
N GLY A 312 -13.82 -3.71 2.74
CA GLY A 312 -14.22 -4.29 1.47
C GLY A 312 -15.00 -5.58 1.68
N GLU A 313 -15.81 -5.90 0.66
CA GLU A 313 -16.66 -7.09 0.73
C GLU A 313 -15.87 -8.39 0.70
N HIS A 314 -14.58 -8.35 0.32
CA HIS A 314 -13.78 -9.56 0.42
C HIS A 314 -13.65 -10.02 1.87
N VAL A 315 -13.53 -9.07 2.81
CA VAL A 315 -13.50 -9.41 4.23
C VAL A 315 -14.83 -10.01 4.65
N THR A 316 -15.93 -9.38 4.26
CA THR A 316 -17.26 -9.85 4.66
C THR A 316 -17.52 -11.26 4.16
N PHE A 317 -17.05 -11.57 2.94
CA PHE A 317 -17.20 -12.90 2.38
C PHE A 317 -16.58 -13.95 3.29
N LEU A 318 -15.37 -13.69 3.77
CA LEU A 318 -14.70 -14.62 4.67
C LEU A 318 -15.41 -14.70 6.02
N LYS A 319 -15.80 -13.56 6.59
CA LYS A 319 -16.46 -13.55 7.89
C LYS A 319 -17.77 -14.32 7.86
N LYS A 320 -18.56 -14.15 6.80
CA LYS A 320 -19.83 -14.86 6.73
C LYS A 320 -19.63 -16.36 6.63
N ALA A 321 -18.60 -16.80 5.90
CA ALA A 321 -18.32 -18.23 5.80
C ALA A 321 -17.91 -18.80 7.15
N ILE A 322 -17.07 -18.07 7.89
CA ILE A 322 -16.68 -18.51 9.23
C ILE A 322 -17.90 -18.55 10.14
N ASN A 323 -18.72 -17.48 10.11
CA ASN A 323 -19.92 -17.44 10.95
C ASN A 323 -20.87 -18.58 10.63
N GLU A 324 -21.05 -18.89 9.34
CA GLU A 324 -21.90 -20.00 8.94
C GLU A 324 -21.49 -21.28 9.64
N MET A 325 -20.20 -21.58 9.65
CA MET A 325 -19.71 -22.82 10.23
C MET A 325 -19.71 -22.78 11.76
N VAL A 326 -19.37 -21.63 12.34
CA VAL A 326 -19.31 -21.53 13.80
C VAL A 326 -20.70 -21.74 14.40
N VAL A 327 -21.72 -21.13 13.80
CA VAL A 327 -23.08 -21.28 14.31
C VAL A 327 -23.51 -22.74 14.29
N LYS A 328 -23.25 -23.43 13.18
CA LYS A 328 -23.60 -24.84 13.08
C LYS A 328 -22.86 -25.67 14.13
N LYS A 329 -21.55 -25.47 14.25
CA LYS A 329 -20.76 -26.29 15.17
C LYS A 329 -21.10 -25.98 16.63
N PHE A 330 -21.35 -24.70 16.94
CA PHE A 330 -21.74 -24.35 18.30
C PHE A 330 -23.08 -24.97 18.68
N GLN A 331 -24.00 -24.99 17.73
CA GLN A 331 -25.30 -25.57 17.99
C GLN A 331 -25.15 -27.07 18.24
N GLN A 332 -24.28 -27.72 17.48
CA GLN A 332 -24.03 -29.13 17.69
C GLN A 332 -23.42 -29.41 19.03
N ASP A 345 -20.46 -12.68 19.03
CA ASP A 345 -20.06 -12.74 17.64
C ASP A 345 -19.05 -13.86 17.39
N SER A 346 -19.11 -14.48 16.22
CA SER A 346 -18.24 -15.60 15.88
C SER A 346 -16.87 -15.17 15.38
N CYS A 347 -16.63 -13.87 15.21
CA CYS A 347 -15.38 -13.41 14.62
C CYS A 347 -14.56 -12.49 15.51
N SER A 348 -15.02 -12.20 16.73
CA SER A 348 -14.32 -11.24 17.57
C SER A 348 -12.97 -11.74 18.08
N ASN A 349 -12.69 -13.04 17.97
CA ASN A 349 -11.41 -13.61 18.40
C ASN A 349 -10.45 -13.87 17.25
N ILE A 350 -10.71 -13.30 16.07
CA ILE A 350 -9.98 -13.62 14.85
C ILE A 350 -9.13 -12.42 14.45
N PHE A 351 -7.88 -12.67 14.08
CA PHE A 351 -7.07 -11.75 13.31
C PHE A 351 -6.77 -12.43 11.97
N VAL A 352 -7.01 -11.74 10.87
CA VAL A 352 -6.84 -12.36 9.56
C VAL A 352 -6.06 -11.44 8.62
N VAL A 353 -5.18 -12.05 7.82
CA VAL A 353 -4.41 -11.36 6.79
C VAL A 353 -4.88 -11.90 5.44
N ILE A 354 -5.18 -11.00 4.51
CA ILE A 354 -5.61 -11.37 3.15
C ILE A 354 -4.75 -10.57 2.17
N VAL A 355 -4.07 -11.27 1.28
CA VAL A 355 -3.16 -10.62 0.32
C VAL A 355 -3.39 -11.20 -1.06
N GLY A 356 -3.60 -10.33 -2.04
CA GLY A 356 -3.71 -10.76 -3.41
C GLY A 356 -4.31 -9.67 -4.28
N SER A 357 -4.63 -10.06 -5.51
CA SER A 357 -5.21 -9.17 -6.49
C SER A 357 -6.66 -9.55 -6.73
N ILE A 358 -7.52 -8.55 -6.94
CA ILE A 358 -8.92 -8.77 -7.27
C ILE A 358 -9.24 -7.94 -8.50
N PRO A 359 -9.61 -8.56 -9.63
CA PRO A 359 -9.99 -7.78 -10.81
C PRO A 359 -11.39 -7.20 -10.67
N GLY A 360 -11.57 -6.01 -11.24
CA GLY A 360 -12.89 -5.41 -11.32
C GLY A 360 -13.33 -4.61 -10.11
N ILE A 361 -12.44 -4.33 -9.16
CA ILE A 361 -12.82 -3.52 -8.01
C ILE A 361 -12.78 -2.04 -8.39
N GLU A 362 -13.56 -1.24 -7.67
CA GLU A 362 -13.53 0.21 -7.76
C GLU A 362 -13.25 0.79 -6.39
N TRP A 363 -12.34 1.76 -6.31
CA TRP A 363 -12.01 2.41 -5.06
C TRP A 363 -12.90 3.63 -4.84
N THR A 364 -13.19 3.94 -3.56
CA THR A 364 -14.15 4.99 -3.21
C THR A 364 -13.55 6.39 -3.18
N GLY A 365 -12.25 6.53 -3.41
CA GLY A 365 -11.58 7.83 -3.39
C GLY A 365 -10.14 7.61 -3.82
N GLN A 366 -9.43 8.72 -3.99
CA GLN A 366 -8.01 8.62 -4.33
C GLN A 366 -7.23 7.87 -3.26
N ARG A 367 -7.62 8.00 -1.99
CA ARG A 367 -6.92 7.33 -0.89
C ARG A 367 -7.02 5.82 -0.97
N LYS A 368 -8.04 5.28 -1.63
CA LYS A 368 -8.22 3.84 -1.76
C LYS A 368 -8.31 3.17 -0.38
N ASP A 369 -9.11 3.77 0.50
CA ASP A 369 -9.39 3.19 1.81
C ASP A 369 -10.34 2.02 1.71
N GLU A 370 -11.30 2.08 0.78
CA GLU A 370 -12.36 1.10 0.66
C GLU A 370 -12.48 0.70 -0.80
N LEU A 371 -12.61 -0.59 -1.05
CA LEU A 371 -12.91 -1.09 -2.38
C LEU A 371 -14.39 -1.40 -2.47
N SER A 372 -14.92 -1.34 -3.70
CA SER A 372 -16.33 -1.53 -3.98
C SER A 372 -16.50 -2.61 -5.02
N ILE A 373 -17.45 -3.51 -4.76
CA ILE A 373 -17.69 -4.66 -5.63
C ILE A 373 -19.03 -5.27 -5.25
N ALA A 374 -19.63 -6.02 -6.17
CA ALA A 374 -20.79 -6.83 -5.83
C ALA A 374 -20.36 -8.01 -4.97
N GLU A 375 -21.04 -8.21 -3.84
CA GLU A 375 -20.75 -9.36 -2.98
C GLU A 375 -20.88 -10.67 -3.74
N ASN A 376 -21.74 -10.70 -4.76
CA ASN A 376 -21.96 -11.93 -5.50
C ASN A 376 -20.76 -12.36 -6.31
N VAL A 377 -19.79 -11.48 -6.56
CA VAL A 377 -18.55 -11.91 -7.21
C VAL A 377 -17.93 -13.06 -6.45
N PHE A 378 -17.83 -12.91 -5.12
CA PHE A 378 -17.23 -13.96 -4.30
C PHE A 378 -18.13 -15.18 -4.21
N LYS A 379 -19.45 -14.97 -4.03
CA LYS A 379 -20.39 -16.09 -3.96
C LYS A 379 -20.35 -16.93 -5.23
N THR A 380 -20.33 -16.27 -6.39
CA THR A 380 -20.38 -17.00 -7.66
C THR A 380 -19.06 -17.69 -7.98
N HIS A 381 -17.93 -17.00 -7.75
CA HIS A 381 -16.66 -17.43 -8.32
C HIS A 381 -15.66 -18.04 -7.36
N TYR A 382 -15.67 -17.67 -6.09
CA TYR A 382 -14.57 -18.02 -5.19
C TYR A 382 -14.96 -19.13 -4.23
N SER A 383 -13.98 -19.97 -3.89
CA SER A 383 -14.18 -21.08 -2.97
C SER A 383 -13.19 -20.97 -1.81
N ILE A 384 -13.70 -20.96 -0.58
CA ILE A 384 -12.88 -20.97 0.62
C ILE A 384 -12.68 -22.43 1.02
N PRO A 385 -11.44 -22.92 1.13
CA PRO A 385 -11.24 -24.33 1.49
C PRO A 385 -11.91 -24.71 2.80
N SER A 386 -12.66 -25.82 2.77
CA SER A 386 -13.42 -26.23 3.94
C SER A 386 -12.52 -26.67 5.09
N SER A 387 -11.35 -27.23 4.78
CA SER A 387 -10.44 -27.65 5.83
C SER A 387 -9.98 -26.47 6.68
N PHE A 388 -9.72 -25.34 6.03
CA PHE A 388 -9.37 -24.11 6.75
C PHE A 388 -10.52 -23.64 7.62
N LEU A 389 -11.74 -23.60 7.07
CA LEU A 389 -12.90 -23.19 7.87
C LEU A 389 -13.15 -24.15 9.03
N THR A 390 -13.03 -25.45 8.77
CA THR A 390 -13.27 -26.43 9.84
C THR A 390 -12.26 -26.29 10.96
N SER A 391 -10.97 -26.12 10.62
CA SER A 391 -9.95 -25.98 11.65
C SER A 391 -10.16 -24.71 12.47
N MET A 392 -10.46 -23.59 11.79
CA MET A 392 -10.71 -22.34 12.50
CA MET A 392 -10.72 -22.34 12.50
C MET A 392 -11.94 -22.46 13.39
N THR A 393 -13.01 -23.06 12.87
CA THR A 393 -14.27 -23.14 13.60
C THR A 393 -14.10 -23.92 14.90
N ARG A 394 -13.32 -25.00 14.87
CA ARG A 394 -13.11 -25.78 16.08
C ARG A 394 -12.49 -24.93 17.18
N SER A 395 -11.44 -24.17 16.84
CA SER A 395 -10.79 -23.34 17.84
CA SER A 395 -10.79 -23.34 17.84
C SER A 395 -11.71 -22.22 18.32
N ILE A 396 -12.51 -21.66 17.41
CA ILE A 396 -13.44 -20.58 17.79
C ILE A 396 -14.49 -21.12 18.75
N VAL A 397 -15.05 -22.29 18.46
CA VAL A 397 -16.10 -22.85 19.30
C VAL A 397 -15.55 -23.22 20.68
N ASP A 398 -14.32 -23.73 20.74
CA ASP A 398 -13.71 -24.03 22.03
C ASP A 398 -13.63 -22.79 22.90
N ILE A 399 -13.26 -21.64 22.32
CA ILE A 399 -13.22 -20.39 23.08
C ILE A 399 -14.62 -20.03 23.59
N LEU A 400 -15.62 -20.19 22.73
CA LEU A 400 -16.99 -19.88 23.13
C LEU A 400 -17.47 -20.81 24.24
N LEU A 401 -17.17 -22.09 24.12
CA LEU A 401 -17.54 -23.06 25.15
C LEU A 401 -16.84 -22.75 26.45
N GLN A 402 -15.59 -22.33 26.39
CA GLN A 402 -14.85 -21.96 27.58
C GLN A 402 -15.18 -20.54 27.98
N SER A 403 -16.47 -20.21 28.09
CA SER A 403 -16.91 -18.88 28.47
C SER A 403 -18.39 -19.02 28.78
#